data_3QCK
#
_entry.id   3QCK
#
_cell.length_a   75.500
_cell.length_b   75.500
_cell.length_c   152.100
_cell.angle_alpha   90.00
_cell.angle_beta   90.00
_cell.angle_gamma   120.00
#
_symmetry.space_group_name_H-M   'P 32 2 1'
#
loop_
_entity.id
_entity.type
_entity.pdbx_description
1 polymer 'Receptor-type tyrosine-protein phosphatase gamma'
2 non-polymer '2-[(3,4-dichlorobenzyl)sulfanyl]benzoic acid'
3 water water
#
_entity_poly.entity_id   1
_entity_poly.type   'polypeptide(L)'
_entity_poly.pdbx_seq_one_letter_code
;GSHMGSMEAIPVKQFVKHIGELYSNNQHGFSEDFEEVQRCTADMNITAEHSNHPENKHKNRYINILAYDHSRVKLRPLPG
KDSKHSDYINANYVDGYNKAKAYIATQGPLKSTFEDFWRMIWEQNTGIIVMITNLVEKGRRKCDQYWPTENSEEYGNIIV
TLKSTKIHACYTVRRFSIRNTKVKKGQKGNPKGRQNERVVIQYHYTQWPDMGVPEYALPVLTFVRRSSAARMPETGPVLV
HCSAGVGRTGTYIVIDSMLQQIKDKSTVNVLGFLKHIRTQRNYLVQTEEQYIFIHDALLEAILGKETEVS
;
_entity_poly.pdbx_strand_id   A
#
# COMPACT_ATOMS: atom_id res chain seq x y z
N MET A 7 -2.58 -19.52 -17.24
CA MET A 7 -2.67 -18.58 -16.08
C MET A 7 -3.98 -17.80 -16.11
N GLU A 8 -5.08 -18.51 -15.90
CA GLU A 8 -6.40 -17.90 -15.87
C GLU A 8 -6.90 -17.85 -14.43
N ALA A 9 -8.03 -17.19 -14.22
CA ALA A 9 -8.63 -17.09 -12.89
C ALA A 9 -8.96 -18.48 -12.36
N ILE A 10 -8.80 -18.64 -11.04
CA ILE A 10 -9.15 -19.87 -10.37
C ILE A 10 -10.50 -19.70 -9.66
N PRO A 11 -11.45 -20.60 -9.93
CA PRO A 11 -12.72 -20.55 -9.21
C PRO A 11 -12.46 -20.59 -7.71
N VAL A 12 -13.21 -19.78 -6.97
CA VAL A 12 -12.93 -19.58 -5.55
C VAL A 12 -13.09 -20.88 -4.78
N LYS A 13 -13.86 -21.81 -5.32
CA LYS A 13 -14.14 -23.05 -4.62
C LYS A 13 -13.03 -24.07 -4.81
N GLN A 14 -12.11 -23.79 -5.73
CA GLN A 14 -10.95 -24.64 -5.96
C GLN A 14 -9.70 -24.02 -5.32
N PHE A 15 -9.83 -22.80 -4.83
CA PHE A 15 -8.65 -22.01 -4.46
C PHE A 15 -7.94 -22.55 -3.23
N VAL A 16 -8.70 -22.93 -2.20
CA VAL A 16 -8.06 -23.43 -0.99
C VAL A 16 -7.33 -24.74 -1.27
N LYS A 17 -7.91 -25.54 -2.15
CA LYS A 17 -7.26 -26.78 -2.58
C LYS A 17 -5.97 -26.44 -3.32
N HIS A 18 -6.03 -25.42 -4.17
CA HIS A 18 -4.85 -24.91 -4.86
C HIS A 18 -3.77 -24.49 -3.85
N ILE A 19 -4.19 -23.84 -2.76
CA ILE A 19 -3.25 -23.44 -1.71
C ILE A 19 -2.57 -24.65 -1.05
N GLY A 20 -3.34 -25.71 -0.80
CA GLY A 20 -2.73 -26.93 -0.32
C GLY A 20 -1.60 -27.39 -1.22
N GLU A 21 -1.86 -27.37 -2.53
CA GLU A 21 -0.89 -27.87 -3.49
C GLU A 21 0.37 -27.00 -3.50
N LEU A 22 0.18 -25.68 -3.38
CA LEU A 22 1.30 -24.74 -3.40
C LEU A 22 2.17 -24.90 -2.16
N TYR A 23 1.54 -25.22 -1.03
CA TYR A 23 2.23 -25.46 0.23
C TYR A 23 3.03 -26.75 0.23
N SER A 24 2.57 -27.73 -0.55
CA SER A 24 3.09 -29.09 -0.39
C SER A 24 4.56 -29.15 -0.73
N ASN A 25 5.24 -30.16 -0.20
CA ASN A 25 6.64 -30.38 -0.51
C ASN A 25 7.42 -29.11 -0.24
N ASN A 26 7.29 -28.60 0.98
CA ASN A 26 8.05 -27.46 1.44
C ASN A 26 7.87 -26.25 0.53
N GLN A 27 6.62 -26.00 0.16
CA GLN A 27 6.23 -24.79 -0.53
C GLN A 27 6.92 -24.63 -1.89
N HIS A 28 7.22 -25.75 -2.52
CA HIS A 28 7.81 -25.76 -3.86
C HIS A 28 6.94 -24.94 -4.84
N GLY A 29 5.63 -25.16 -4.80
CA GLY A 29 4.72 -24.45 -5.69
C GLY A 29 4.74 -22.95 -5.48
N PHE A 30 4.69 -22.52 -4.21
CA PHE A 30 4.82 -21.10 -3.91
C PHE A 30 6.12 -20.53 -4.49
N SER A 31 7.21 -21.28 -4.35
CA SER A 31 8.50 -20.79 -4.84
C SER A 31 8.50 -20.61 -6.36
N GLU A 32 7.95 -21.58 -7.07
CA GLU A 32 7.77 -21.46 -8.52
C GLU A 32 7.01 -20.20 -8.88
N ASP A 33 5.86 -20.02 -8.26
CA ASP A 33 5.02 -18.86 -8.53
C ASP A 33 5.80 -17.57 -8.36
N PHE A 34 6.51 -17.47 -7.23
CA PHE A 34 7.13 -16.20 -6.87
C PHE A 34 8.35 -15.93 -7.72
N GLU A 35 9.09 -16.99 -8.05
CA GLU A 35 10.24 -16.83 -8.95
C GLU A 35 9.73 -16.34 -10.28
N GLU A 36 8.57 -16.84 -10.70
CA GLU A 36 7.96 -16.37 -11.94
C GLU A 36 7.61 -14.89 -11.83
N VAL A 37 7.08 -14.47 -10.69
CA VAL A 37 6.80 -13.06 -10.45
C VAL A 37 8.09 -12.25 -10.59
N GLN A 38 9.15 -12.69 -9.93
CA GLN A 38 10.38 -11.93 -9.94
C GLN A 38 11.03 -11.91 -11.32
N ARG A 39 10.73 -12.91 -12.14
CA ARG A 39 11.23 -12.95 -13.50
C ARG A 39 10.35 -12.19 -14.48
N CYS A 40 9.10 -11.94 -14.11
CA CYS A 40 8.09 -11.42 -15.03
C CYS A 40 8.45 -10.04 -15.54
N THR A 41 9.63 -9.56 -15.18
CA THR A 41 10.11 -8.26 -15.57
C THR A 41 11.40 -8.34 -16.39
N ALA A 42 11.94 -9.55 -16.51
CA ALA A 42 13.23 -9.78 -17.15
C ALA A 42 13.34 -9.11 -18.51
N ASP A 43 12.29 -9.23 -19.32
CA ASP A 43 12.33 -8.68 -20.67
C ASP A 43 11.68 -7.31 -20.74
N MET A 44 11.66 -6.61 -19.60
CA MET A 44 11.09 -5.28 -19.52
C MET A 44 12.06 -4.25 -18.98
N ASN A 45 12.28 -3.19 -19.75
CA ASN A 45 13.04 -2.05 -19.29
C ASN A 45 12.00 -0.99 -18.93
N ILE A 46 11.94 -0.62 -17.66
CA ILE A 46 10.95 0.35 -17.21
C ILE A 46 11.69 1.55 -16.62
N THR A 47 11.55 2.71 -17.25
CA THR A 47 12.37 3.85 -16.88
C THR A 47 11.92 4.47 -15.54
N ALA A 48 12.91 4.94 -14.78
CA ALA A 48 12.66 5.70 -13.57
C ALA A 48 13.66 6.86 -13.52
N GLU A 49 13.63 7.72 -14.53
CA GLU A 49 14.60 8.78 -14.67
C GLU A 49 14.49 9.80 -13.56
N HIS A 50 13.27 10.17 -13.21
CA HIS A 50 13.08 11.18 -12.19
C HIS A 50 13.58 10.69 -10.84
N SER A 51 13.29 9.44 -10.50
CA SER A 51 13.74 8.90 -9.22
C SER A 51 15.25 8.99 -9.09
N ASN A 52 15.96 8.89 -10.21
CA ASN A 52 17.42 8.82 -10.21
C ASN A 52 18.10 10.17 -10.37
N HIS A 53 17.32 11.23 -10.57
CA HIS A 53 17.91 12.54 -10.76
C HIS A 53 18.56 13.04 -9.47
N PRO A 54 19.73 13.69 -9.59
CA PRO A 54 20.50 14.15 -8.43
C PRO A 54 19.67 15.00 -7.48
N GLU A 55 18.70 15.73 -8.03
CA GLU A 55 17.88 16.63 -7.24
C GLU A 55 16.86 15.89 -6.38
N ASN A 56 16.54 14.67 -6.78
CA ASN A 56 15.47 13.92 -6.12
C ASN A 56 15.99 12.82 -5.21
N LYS A 57 17.30 12.57 -5.26
CA LYS A 57 17.90 11.50 -4.48
C LYS A 57 17.53 11.57 -3.01
N HIS A 58 17.60 12.76 -2.42
CA HIS A 58 17.33 12.91 -0.99
C HIS A 58 15.86 12.66 -0.68
N LYS A 59 15.04 12.53 -1.73
CA LYS A 59 13.61 12.33 -1.56
C LYS A 59 13.24 10.84 -1.56
N ASN A 60 14.23 9.99 -1.81
CA ASN A 60 14.03 8.54 -1.80
C ASN A 60 14.55 7.95 -0.50
N ARG A 61 13.68 7.26 0.22
CA ARG A 61 14.07 6.66 1.50
C ARG A 61 15.14 5.59 1.30
N TYR A 62 15.03 4.83 0.22
CA TYR A 62 16.03 3.81 -0.11
C TYR A 62 16.52 3.99 -1.55
N ILE A 63 17.84 3.92 -1.75
CA ILE A 63 18.42 4.20 -3.07
C ILE A 63 17.97 3.22 -4.14
N ASN A 64 17.58 2.02 -3.72
CA ASN A 64 17.25 0.96 -4.66
C ASN A 64 15.75 0.89 -4.92
N ILE A 65 14.99 1.68 -4.17
CA ILE A 65 13.54 1.63 -4.29
C ILE A 65 13.04 2.88 -5.01
N LEU A 66 12.61 2.70 -6.25
CA LEU A 66 12.32 3.81 -7.16
C LEU A 66 10.85 3.91 -7.53
N ALA A 67 10.48 5.01 -8.18
CA ALA A 67 9.14 5.19 -8.66
C ALA A 67 9.15 5.20 -10.19
N TYR A 68 8.56 4.18 -10.80
CA TYR A 68 8.54 4.09 -12.25
C TYR A 68 7.95 5.37 -12.88
N ASP A 69 8.63 5.89 -13.90
CA ASP A 69 8.21 7.14 -14.55
C ASP A 69 6.75 7.12 -14.98
N HIS A 70 6.34 6.07 -15.69
CA HIS A 70 5.05 6.12 -16.39
C HIS A 70 3.89 6.17 -15.42
N SER A 71 4.10 5.58 -14.24
CA SER A 71 3.03 5.46 -13.25
C SER A 71 3.24 6.40 -12.05
N ARG A 72 4.34 7.13 -12.04
CA ARG A 72 4.68 7.93 -10.86
C ARG A 72 3.65 9.01 -10.62
N VAL A 73 3.36 9.29 -9.35
CA VAL A 73 2.46 10.39 -9.01
C VAL A 73 3.22 11.70 -9.15
N LYS A 74 2.61 12.66 -9.84
CA LYS A 74 3.27 13.93 -10.08
C LYS A 74 2.66 14.99 -9.20
N LEU A 75 3.51 15.70 -8.47
CA LEU A 75 3.07 16.86 -7.71
C LEU A 75 2.95 18.04 -8.68
N ARG A 76 1.92 18.86 -8.51
CA ARG A 76 1.83 20.11 -9.26
C ARG A 76 3.10 20.91 -9.00
N PRO A 77 3.76 21.38 -10.06
CA PRO A 77 5.06 22.06 -9.90
C PRO A 77 4.97 23.37 -9.10
N LEU A 78 6.11 23.79 -8.57
CA LEU A 78 6.18 24.97 -7.72
C LEU A 78 7.02 26.08 -8.35
N PRO A 79 6.58 27.34 -8.21
CA PRO A 79 7.28 28.51 -8.74
C PRO A 79 8.72 28.63 -8.25
N SER A 83 11.10 25.18 -9.09
CA SER A 83 12.07 24.08 -9.17
C SER A 83 11.54 23.01 -10.11
N LYS A 84 12.33 22.66 -11.12
CA LYS A 84 11.90 21.74 -12.16
C LYS A 84 11.54 20.37 -11.58
N HIS A 85 12.07 20.07 -10.40
CA HIS A 85 11.91 18.75 -9.82
C HIS A 85 11.04 18.77 -8.57
N SER A 86 10.30 19.86 -8.39
CA SER A 86 9.35 19.96 -7.29
C SER A 86 8.12 19.12 -7.57
N ASP A 87 8.12 18.43 -8.70
CA ASP A 87 6.99 17.59 -9.07
C ASP A 87 7.14 16.15 -8.53
N TYR A 88 8.32 15.84 -8.00
CA TYR A 88 8.65 14.45 -7.69
C TYR A 88 8.33 14.00 -6.26
N ILE A 89 7.71 12.84 -6.17
CA ILE A 89 7.63 12.09 -4.92
C ILE A 89 7.72 10.60 -5.24
N ASN A 90 8.34 9.83 -4.35
CA ASN A 90 8.50 8.41 -4.60
C ASN A 90 7.17 7.73 -4.33
N ALA A 91 6.36 7.63 -5.38
CA ALA A 91 5.00 7.14 -5.27
C ALA A 91 4.49 6.78 -6.68
N ASN A 92 3.69 5.73 -6.77
CA ASN A 92 3.14 5.28 -8.04
C ASN A 92 1.67 4.97 -7.88
N TYR A 93 0.89 5.34 -8.89
CA TYR A 93 -0.47 4.83 -9.04
C TYR A 93 -0.39 3.31 -9.23
N VAL A 94 -1.33 2.60 -8.66
CA VAL A 94 -1.39 1.15 -8.86
C VAL A 94 -2.83 0.76 -9.08
N ASP A 95 -3.05 -0.16 -10.03
CA ASP A 95 -4.40 -0.61 -10.32
C ASP A 95 -4.98 -1.43 -9.17
N GLY A 96 -6.30 -1.33 -9.01
CA GLY A 96 -7.02 -2.26 -8.16
C GLY A 96 -7.83 -3.19 -9.04
N TYR A 97 -8.77 -3.91 -8.44
CA TYR A 97 -9.60 -4.82 -9.23
C TYR A 97 -10.51 -4.01 -10.16
N ASN A 98 -10.39 -4.27 -11.46
CA ASN A 98 -11.19 -3.58 -12.47
C ASN A 98 -11.27 -2.08 -12.25
N LYS A 99 -10.17 -1.48 -11.79
CA LYS A 99 -10.17 -0.06 -11.49
C LYS A 99 -8.77 0.51 -11.58
N ALA A 100 -8.55 1.38 -12.57
CA ALA A 100 -7.24 1.96 -12.77
C ALA A 100 -6.90 2.91 -11.62
N LYS A 101 -5.63 2.94 -11.22
CA LYS A 101 -5.17 3.94 -10.27
C LYS A 101 -6.01 3.93 -8.99
N ALA A 102 -6.38 2.75 -8.52
CA ALA A 102 -7.18 2.64 -7.30
C ALA A 102 -6.33 2.98 -6.06
N TYR A 103 -5.02 2.91 -6.20
CA TYR A 103 -4.13 3.15 -5.06
C TYR A 103 -3.00 4.05 -5.45
N ILE A 104 -2.52 4.81 -4.47
CA ILE A 104 -1.18 5.32 -4.54
C ILE A 104 -0.31 4.50 -3.56
N ALA A 105 0.69 3.82 -4.10
CA ALA A 105 1.62 3.09 -3.26
C ALA A 105 2.87 3.94 -3.14
N THR A 106 3.29 4.21 -1.91
CA THR A 106 4.41 5.12 -1.68
C THR A 106 5.22 4.72 -0.45
N GLN A 107 6.42 5.28 -0.33
CA GLN A 107 7.28 4.99 0.83
C GLN A 107 6.74 5.71 2.07
N GLY A 108 7.15 5.23 3.24
CA GLY A 108 6.93 6.02 4.45
C GLY A 108 7.66 7.33 4.29
N PRO A 109 6.97 8.46 4.45
CA PRO A 109 7.58 9.75 4.13
C PRO A 109 8.71 10.13 5.07
N LEU A 110 9.66 10.90 4.53
CA LEU A 110 10.78 11.41 5.30
C LEU A 110 10.39 12.78 5.81
N LYS A 111 11.07 13.26 6.85
CA LYS A 111 10.81 14.60 7.33
C LYS A 111 10.91 15.57 6.15
N SER A 112 11.92 15.37 5.31
CA SER A 112 12.19 16.25 4.19
C SER A 112 11.13 16.18 3.09
N THR A 113 10.25 15.18 3.14
CA THR A 113 9.23 15.05 2.12
C THR A 113 7.81 15.12 2.70
N PHE A 114 7.69 15.52 3.97
CA PHE A 114 6.39 15.65 4.63
C PHE A 114 5.45 16.59 3.88
N GLU A 115 5.97 17.71 3.38
CA GLU A 115 5.10 18.67 2.71
C GLU A 115 4.63 18.11 1.37
N ASP A 116 5.54 17.47 0.66
CA ASP A 116 5.20 16.79 -0.59
C ASP A 116 4.12 15.76 -0.32
N PHE A 117 4.32 14.99 0.74
CA PHE A 117 3.41 13.91 1.10
C PHE A 117 1.99 14.43 1.24
N TRP A 118 1.81 15.46 2.08
CA TRP A 118 0.47 16.00 2.31
C TRP A 118 -0.04 16.80 1.10
N ARG A 119 0.87 17.39 0.34
CA ARG A 119 0.42 18.11 -0.85
C ARG A 119 -0.20 17.11 -1.82
N MET A 120 0.45 15.95 -1.97
CA MET A 120 -0.06 14.88 -2.81
C MET A 120 -1.45 14.44 -2.36
N ILE A 121 -1.60 14.17 -1.07
CA ILE A 121 -2.90 13.80 -0.54
C ILE A 121 -3.94 14.84 -0.88
N TRP A 122 -3.57 16.12 -0.79
CA TRP A 122 -4.53 17.16 -1.10
C TRP A 122 -4.84 17.14 -2.60
N GLU A 123 -3.80 17.24 -3.41
CA GLU A 123 -3.96 17.32 -4.86
C GLU A 123 -4.68 16.10 -5.45
N GLN A 124 -4.47 14.93 -4.86
CA GLN A 124 -5.06 13.70 -5.39
C GLN A 124 -6.43 13.41 -4.80
N ASN A 125 -6.86 14.25 -3.87
CA ASN A 125 -8.16 14.05 -3.24
C ASN A 125 -8.21 12.72 -2.49
N THR A 126 -7.07 12.31 -1.95
CA THR A 126 -7.01 11.08 -1.17
C THR A 126 -7.76 11.27 0.15
N GLY A 127 -8.56 10.27 0.52
CA GLY A 127 -9.33 10.37 1.75
C GLY A 127 -8.95 9.29 2.77
N ILE A 128 -8.15 8.31 2.36
CA ILE A 128 -7.77 7.20 3.22
C ILE A 128 -6.27 6.96 3.13
N ILE A 129 -5.63 6.80 4.29
CA ILE A 129 -4.24 6.39 4.35
C ILE A 129 -4.17 5.01 5.00
N VAL A 130 -3.45 4.09 4.37
CA VAL A 130 -3.19 2.80 4.96
C VAL A 130 -1.72 2.70 5.29
N MET A 131 -1.41 2.71 6.58
CA MET A 131 -0.03 2.64 7.03
C MET A 131 0.25 1.24 7.56
N ILE A 132 1.27 0.59 6.99
CA ILE A 132 1.48 -0.83 7.28
C ILE A 132 2.89 -1.04 7.80
N THR A 133 3.22 -0.33 8.87
CA THR A 133 4.52 -0.39 9.49
C THR A 133 4.41 0.36 10.80
N ASN A 134 5.33 0.10 11.73
CA ASN A 134 5.46 1.01 12.85
C ASN A 134 6.59 1.97 12.52
N LEU A 135 6.62 3.11 13.20
CA LEU A 135 7.66 4.10 12.97
C LEU A 135 9.01 3.44 13.20
N VAL A 136 9.09 2.59 14.22
CA VAL A 136 10.32 1.87 14.55
C VAL A 136 10.00 0.40 14.72
N GLU A 137 10.83 -0.46 14.14
CA GLU A 137 10.64 -1.90 14.27
C GLU A 137 11.97 -2.59 14.54
N LYS A 138 12.00 -3.40 15.59
CA LYS A 138 13.21 -4.11 15.96
C LYS A 138 14.38 -3.12 16.07
N GLY A 139 14.15 -2.01 16.75
CA GLY A 139 15.19 -1.03 16.97
C GLY A 139 15.57 -0.19 15.76
N ARG A 140 14.91 -0.42 14.63
CA ARG A 140 15.28 0.26 13.38
C ARG A 140 14.22 1.24 12.91
N ARG A 141 14.68 2.37 12.37
CA ARG A 141 13.81 3.44 11.90
C ARG A 141 13.17 3.05 10.58
N LYS A 142 11.85 2.97 10.55
CA LYS A 142 11.14 2.56 9.34
C LYS A 142 10.39 3.72 8.69
N CYS A 143 9.87 4.62 9.52
CA CYS A 143 9.03 5.71 9.03
C CYS A 143 9.09 6.87 10.00
N ASP A 144 9.06 8.10 9.48
CA ASP A 144 8.99 9.28 10.33
C ASP A 144 7.53 9.63 10.54
N GLN A 145 7.22 10.21 11.70
CA GLN A 145 5.84 10.51 12.02
C GLN A 145 5.38 11.77 11.28
N TYR A 146 4.51 11.58 10.30
CA TYR A 146 4.06 12.65 9.42
C TYR A 146 2.75 13.26 9.88
N TRP A 147 2.24 12.83 11.02
CA TRP A 147 1.01 13.38 11.56
C TRP A 147 1.24 13.94 12.98
N PRO A 148 0.35 14.82 13.45
CA PRO A 148 0.48 15.39 14.80
C PRO A 148 0.12 14.37 15.88
N THR A 149 0.93 14.32 16.93
CA THR A 149 0.63 13.50 18.10
C THR A 149 -0.66 13.97 18.76
N GLU A 150 -0.87 15.28 18.80
CA GLU A 150 -2.14 15.81 19.27
C GLU A 150 -2.43 17.17 18.63
N ASN A 151 -3.70 17.53 18.58
CA ASN A 151 -4.11 18.80 17.98
C ASN A 151 -3.60 18.92 16.54
N SER A 152 -2.94 20.02 16.23
CA SER A 152 -2.58 20.36 14.85
C SER A 152 -1.09 20.46 14.58
N GLU A 153 -0.73 20.24 13.32
CA GLU A 153 0.62 20.47 12.83
C GLU A 153 0.52 21.01 11.40
N GLU A 154 1.50 21.80 10.99
CA GLU A 154 1.48 22.39 9.66
C GLU A 154 2.57 21.82 8.78
N TYR A 155 2.20 21.39 7.58
CA TYR A 155 3.18 20.96 6.58
C TYR A 155 2.90 21.75 5.30
N GLY A 156 3.74 22.74 5.02
CA GLY A 156 3.47 23.62 3.89
C GLY A 156 2.10 24.25 4.04
N ASN A 157 1.32 24.24 2.96
CA ASN A 157 0.00 24.86 2.97
C ASN A 157 -1.05 23.95 3.57
N ILE A 158 -0.61 22.79 4.07
CA ILE A 158 -1.56 21.84 4.64
C ILE A 158 -1.46 21.77 6.16
N ILE A 159 -2.59 22.02 6.82
CA ILE A 159 -2.67 21.96 8.27
C ILE A 159 -3.50 20.76 8.70
N VAL A 160 -2.86 19.83 9.39
CA VAL A 160 -3.47 18.56 9.75
C VAL A 160 -3.91 18.59 11.20
N THR A 161 -5.16 18.23 11.45
CA THR A 161 -5.67 18.21 12.82
C THR A 161 -6.18 16.83 13.20
N LEU A 162 -5.58 16.25 14.26
CA LEU A 162 -6.04 14.99 14.79
C LEU A 162 -7.35 15.19 15.54
N LYS A 163 -8.40 14.49 15.11
CA LYS A 163 -9.72 14.71 15.66
C LYS A 163 -10.05 13.62 16.67
N SER A 164 -9.67 12.39 16.36
CA SER A 164 -10.00 11.27 17.23
C SER A 164 -9.18 10.05 16.87
N THR A 165 -9.03 9.16 17.84
CA THR A 165 -8.27 7.95 17.67
C THR A 165 -9.01 6.77 18.28
N LYS A 166 -8.97 5.64 17.59
CA LYS A 166 -9.36 4.39 18.23
C LYS A 166 -8.23 3.39 18.08
N ILE A 167 -7.75 2.90 19.22
CA ILE A 167 -6.64 1.96 19.26
C ILE A 167 -7.18 0.55 19.50
N HIS A 168 -7.18 -0.26 18.44
CA HIS A 168 -7.60 -1.64 18.53
C HIS A 168 -6.42 -2.50 18.89
N ALA A 169 -6.66 -3.79 19.10
CA ALA A 169 -5.62 -4.74 19.43
C ALA A 169 -4.48 -4.73 18.42
N CYS A 170 -4.82 -4.71 17.13
CA CYS A 170 -3.82 -4.93 16.07
C CYS A 170 -3.62 -3.73 15.17
N TYR A 171 -4.48 -2.74 15.30
CA TYR A 171 -4.35 -1.55 14.47
C TYR A 171 -5.01 -0.36 15.11
N THR A 172 -4.65 0.82 14.61
CA THR A 172 -5.17 2.07 15.13
C THR A 172 -5.79 2.89 14.00
N VAL A 173 -6.96 3.48 14.29
CA VAL A 173 -7.61 4.39 13.37
C VAL A 173 -7.50 5.82 13.89
N ARG A 174 -6.85 6.69 13.13
CA ARG A 174 -6.84 8.12 13.46
C ARG A 174 -7.66 8.89 12.43
N ARG A 175 -8.56 9.74 12.92
CA ARG A 175 -9.35 10.59 12.05
C ARG A 175 -8.79 12.00 12.06
N PHE A 176 -8.29 12.45 10.92
CA PHE A 176 -7.79 13.80 10.77
C PHE A 176 -8.79 14.67 10.01
N SER A 177 -8.69 15.97 10.22
CA SER A 177 -9.25 16.97 9.31
C SER A 177 -8.09 17.80 8.80
N ILE A 178 -7.92 17.89 7.48
CA ILE A 178 -6.85 18.69 6.93
C ILE A 178 -7.41 19.91 6.20
N ARG A 179 -6.63 20.98 6.21
CA ARG A 179 -7.07 22.24 5.66
C ARG A 179 -5.97 22.81 4.79
N ASN A 180 -6.33 23.29 3.61
CA ASN A 180 -5.37 23.96 2.74
C ASN A 180 -5.46 25.47 2.92
N THR A 181 -4.38 26.07 3.42
CA THR A 181 -4.38 27.48 3.76
C THR A 181 -4.60 28.36 2.53
N LYS A 182 -4.05 27.94 1.38
CA LYS A 182 -4.11 28.72 0.16
C LYS A 182 -5.44 28.56 -0.57
N VAL A 183 -6.44 28.00 0.11
CA VAL A 183 -7.74 27.79 -0.50
C VAL A 183 -8.88 28.31 0.38
N LYS A 184 -9.89 28.89 -0.27
CA LYS A 184 -11.05 29.42 0.45
C LYS A 184 -12.06 30.03 -0.54
N GLN A 195 -10.66 27.81 5.53
CA GLN A 195 -10.20 27.31 4.23
C GLN A 195 -10.99 26.08 3.81
N ASN A 196 -10.60 25.45 2.71
CA ASN A 196 -11.24 24.22 2.29
C ASN A 196 -10.70 23.06 3.15
N GLU A 197 -11.63 22.23 3.65
CA GLU A 197 -11.30 21.20 4.63
C GLU A 197 -11.78 19.82 4.19
N ARG A 198 -10.97 18.80 4.44
CA ARG A 198 -11.36 17.42 4.15
C ARG A 198 -11.09 16.47 5.31
N VAL A 199 -11.91 15.44 5.44
CA VAL A 199 -11.62 14.34 6.34
C VAL A 199 -10.63 13.38 5.69
N VAL A 200 -9.57 13.05 6.43
CA VAL A 200 -8.68 11.96 6.03
C VAL A 200 -8.57 10.96 7.19
N ILE A 201 -8.86 9.70 6.91
CA ILE A 201 -8.75 8.66 7.91
C ILE A 201 -7.55 7.75 7.66
N GLN A 202 -6.74 7.56 8.69
CA GLN A 202 -5.55 6.74 8.60
C GLN A 202 -5.79 5.41 9.30
N TYR A 203 -5.63 4.33 8.56
CA TYR A 203 -5.63 2.99 9.15
C TYR A 203 -4.20 2.51 9.29
N HIS A 204 -3.82 2.24 10.53
CA HIS A 204 -2.43 2.02 10.90
C HIS A 204 -2.33 0.64 11.55
N TYR A 205 -1.74 -0.33 10.85
CA TYR A 205 -1.57 -1.65 11.43
C TYR A 205 -0.32 -1.60 12.30
N THR A 206 -0.50 -2.00 13.55
CA THR A 206 0.46 -1.68 14.61
C THR A 206 1.13 -2.93 15.19
N GLN A 207 0.56 -4.11 14.90
CA GLN A 207 1.02 -5.34 15.54
C GLN A 207 2.16 -6.00 14.79
N TRP A 208 3.39 -5.69 15.18
CA TRP A 208 4.57 -6.20 14.49
C TRP A 208 5.53 -6.89 15.46
N PRO A 209 5.75 -8.20 15.29
CA PRO A 209 6.54 -9.00 16.23
C PRO A 209 7.97 -8.49 16.40
N ASP A 210 8.50 -8.63 17.61
CA ASP A 210 9.89 -8.25 17.88
C ASP A 210 10.80 -9.23 17.19
N MET A 211 10.31 -10.46 17.03
CA MET A 211 11.09 -11.52 16.42
C MET A 211 10.30 -12.07 15.23
N GLY A 212 10.99 -12.27 14.11
CA GLY A 212 10.35 -12.88 12.96
C GLY A 212 9.23 -12.03 12.40
N VAL A 213 8.25 -12.69 11.78
CA VAL A 213 7.20 -11.99 11.05
C VAL A 213 5.81 -12.39 11.54
N PRO A 214 4.78 -11.60 11.19
CA PRO A 214 3.42 -11.92 11.62
C PRO A 214 2.97 -13.31 11.17
N GLU A 215 2.18 -13.96 12.01
CA GLU A 215 1.95 -15.40 11.88
C GLU A 215 0.51 -15.76 11.50
N TYR A 216 -0.43 -14.89 11.84
CA TYR A 216 -1.84 -15.16 11.58
C TYR A 216 -2.47 -14.12 10.66
N ALA A 217 -3.21 -14.60 9.67
CA ALA A 217 -3.76 -13.73 8.63
C ALA A 217 -5.09 -13.09 9.05
N LEU A 218 -5.81 -13.72 9.97
CA LEU A 218 -7.17 -13.28 10.25
C LEU A 218 -7.26 -11.82 10.68
N PRO A 219 -6.39 -11.38 11.60
CA PRO A 219 -6.43 -9.97 12.05
C PRO A 219 -6.10 -9.02 10.90
N VAL A 220 -5.25 -9.47 9.98
CA VAL A 220 -4.92 -8.66 8.82
C VAL A 220 -6.11 -8.57 7.87
N LEU A 221 -6.78 -9.70 7.68
CA LEU A 221 -8.00 -9.75 6.88
C LEU A 221 -9.00 -8.72 7.40
N THR A 222 -9.21 -8.73 8.70
CA THR A 222 -10.16 -7.81 9.33
C THR A 222 -9.73 -6.37 9.06
N PHE A 223 -8.42 -6.12 9.16
CA PHE A 223 -7.88 -4.80 8.87
C PHE A 223 -8.05 -4.39 7.40
N VAL A 224 -7.84 -5.32 6.49
CA VAL A 224 -8.03 -5.01 5.07
C VAL A 224 -9.49 -4.69 4.81
N ARG A 225 -10.39 -5.50 5.37
CA ARG A 225 -11.83 -5.32 5.18
C ARG A 225 -12.32 -3.97 5.66
N ARG A 226 -11.88 -3.57 6.85
CA ARG A 226 -12.39 -2.33 7.42
C ARG A 226 -11.79 -1.11 6.74
N SER A 227 -10.49 -1.17 6.43
CA SER A 227 -9.85 -0.02 5.83
C SER A 227 -10.34 0.16 4.39
N SER A 228 -10.68 -0.96 3.74
CA SER A 228 -11.14 -0.92 2.36
C SER A 228 -12.57 -0.39 2.28
N ALA A 229 -13.43 -0.87 3.18
CA ALA A 229 -14.81 -0.45 3.21
C ALA A 229 -14.95 1.03 3.55
N ALA A 230 -13.90 1.61 4.11
CA ALA A 230 -13.92 3.03 4.47
C ALA A 230 -13.77 3.91 3.24
N ARG A 231 -13.32 3.33 2.13
CA ARG A 231 -13.13 4.10 0.90
C ARG A 231 -14.44 4.78 0.52
N MET A 232 -14.37 6.07 0.19
CA MET A 232 -15.55 6.83 -0.16
C MET A 232 -15.66 7.06 -1.66
N PRO A 233 -16.87 6.90 -2.22
CA PRO A 233 -17.15 7.39 -3.57
C PRO A 233 -17.46 8.87 -3.50
N GLU A 234 -17.03 9.63 -4.50
CA GLU A 234 -16.02 9.17 -5.45
C GLU A 234 -14.79 10.00 -5.11
N THR A 235 -13.79 9.35 -4.54
CA THR A 235 -12.65 10.06 -3.99
C THR A 235 -11.38 9.65 -4.73
N GLY A 236 -10.27 10.28 -4.38
CA GLY A 236 -9.00 9.90 -4.96
C GLY A 236 -8.58 8.49 -4.54
N PRO A 237 -7.42 8.04 -5.04
CA PRO A 237 -6.89 6.72 -4.72
C PRO A 237 -6.55 6.58 -3.22
N VAL A 238 -6.69 5.38 -2.68
CA VAL A 238 -6.26 5.12 -1.32
C VAL A 238 -4.74 5.15 -1.25
N LEU A 239 -4.19 5.90 -0.31
CA LEU A 239 -2.74 5.92 -0.15
C LEU A 239 -2.30 4.76 0.75
N VAL A 240 -1.37 3.93 0.26
CA VAL A 240 -0.91 2.76 0.98
C VAL A 240 0.61 2.88 1.09
N HIS A 241 1.12 2.83 2.32
CA HIS A 241 2.57 2.83 2.50
C HIS A 241 2.98 1.91 3.64
N CYS A 242 4.23 1.46 3.56
CA CYS A 242 4.90 0.84 4.69
C CYS A 242 6.20 1.62 4.88
N SER A 243 7.34 0.96 4.81
CA SER A 243 8.60 1.70 4.90
C SER A 243 9.10 2.06 3.49
N ALA A 244 9.42 1.04 2.70
CA ALA A 244 9.82 1.25 1.31
C ALA A 244 8.60 1.43 0.41
N GLY A 245 7.46 0.95 0.88
CA GLY A 245 6.24 1.08 0.11
C GLY A 245 6.14 0.09 -1.05
N VAL A 246 6.77 -1.08 -0.89
CA VAL A 246 6.63 -2.13 -1.89
C VAL A 246 6.18 -3.48 -1.33
N GLY A 247 6.79 -3.91 -0.23
CA GLY A 247 6.54 -5.26 0.26
C GLY A 247 5.16 -5.44 0.85
N ARG A 248 4.97 -4.92 2.05
CA ARG A 248 3.68 -4.97 2.73
C ARG A 248 2.64 -4.18 1.96
N THR A 249 3.06 -3.10 1.33
CA THR A 249 2.18 -2.31 0.48
C THR A 249 1.61 -3.16 -0.66
N GLY A 250 2.48 -3.87 -1.36
CA GLY A 250 1.99 -4.74 -2.43
C GLY A 250 1.04 -5.80 -1.89
N THR A 251 1.35 -6.30 -0.69
CA THR A 251 0.60 -7.39 -0.11
C THR A 251 -0.82 -6.96 0.18
N TYR A 252 -0.96 -5.77 0.76
CA TYR A 252 -2.27 -5.18 1.02
C TYR A 252 -3.08 -5.04 -0.27
N ILE A 253 -2.44 -4.48 -1.30
CA ILE A 253 -3.12 -4.21 -2.56
C ILE A 253 -3.64 -5.49 -3.22
N VAL A 254 -2.84 -6.55 -3.22
CA VAL A 254 -3.31 -7.80 -3.81
C VAL A 254 -4.46 -8.42 -3.02
N ILE A 255 -4.33 -8.45 -1.69
CA ILE A 255 -5.38 -9.02 -0.86
C ILE A 255 -6.70 -8.28 -1.06
N ASP A 256 -6.65 -6.97 -0.95
CA ASP A 256 -7.83 -6.13 -1.13
C ASP A 256 -8.43 -6.38 -2.53
N SER A 257 -7.60 -6.31 -3.56
CA SER A 257 -8.08 -6.47 -4.93
C SER A 257 -8.69 -7.86 -5.16
N MET A 258 -8.06 -8.90 -4.63
CA MET A 258 -8.57 -10.24 -4.85
C MET A 258 -9.86 -10.51 -4.07
N LEU A 259 -9.99 -9.89 -2.90
CA LEU A 259 -11.26 -9.92 -2.18
C LEU A 259 -12.37 -9.30 -3.03
N GLN A 260 -12.04 -8.23 -3.73
CA GLN A 260 -12.99 -7.60 -4.65
C GLN A 260 -13.35 -8.56 -5.79
N GLN A 261 -12.35 -9.21 -6.36
CA GLN A 261 -12.61 -10.13 -7.46
C GLN A 261 -13.46 -11.29 -6.99
N ILE A 262 -13.16 -11.81 -5.81
CA ILE A 262 -13.96 -12.89 -5.24
C ILE A 262 -15.41 -12.44 -5.11
N LYS A 263 -15.61 -11.24 -4.56
CA LYS A 263 -16.97 -10.72 -4.38
C LYS A 263 -17.67 -10.59 -5.72
N ASP A 264 -16.96 -10.15 -6.73
CA ASP A 264 -17.56 -9.85 -8.01
C ASP A 264 -17.82 -11.10 -8.83
N LYS A 265 -16.81 -11.96 -8.95
CA LYS A 265 -16.84 -13.05 -9.91
C LYS A 265 -16.58 -14.42 -9.31
N SER A 266 -16.38 -14.47 -8.00
CA SER A 266 -16.12 -15.73 -7.32
C SER A 266 -14.95 -16.48 -7.95
N THR A 267 -13.94 -15.72 -8.38
CA THR A 267 -12.70 -16.30 -8.87
C THR A 267 -11.51 -15.54 -8.27
N VAL A 268 -10.34 -16.13 -8.35
CA VAL A 268 -9.13 -15.53 -7.79
C VAL A 268 -7.99 -15.60 -8.79
N ASN A 269 -7.24 -14.50 -8.92
CA ASN A 269 -6.07 -14.52 -9.78
C ASN A 269 -4.87 -13.78 -9.18
N VAL A 270 -4.31 -14.33 -8.11
CA VAL A 270 -3.21 -13.69 -7.41
C VAL A 270 -1.99 -13.52 -8.31
N LEU A 271 -1.58 -14.61 -8.97
CA LEU A 271 -0.36 -14.58 -9.77
C LEU A 271 -0.48 -13.61 -10.93
N GLY A 272 -1.62 -13.63 -11.62
CA GLY A 272 -1.80 -12.76 -12.77
C GLY A 272 -1.85 -11.29 -12.37
N PHE A 273 -2.63 -10.99 -11.35
CA PHE A 273 -2.77 -9.60 -10.90
C PHE A 273 -1.44 -9.05 -10.41
N LEU A 274 -0.68 -9.87 -9.71
CA LEU A 274 0.59 -9.40 -9.13
C LEU A 274 1.62 -9.12 -10.21
N LYS A 275 1.66 -9.95 -11.24
CA LYS A 275 2.57 -9.73 -12.34
C LYS A 275 2.22 -8.42 -13.03
N HIS A 276 0.93 -8.12 -13.08
CA HIS A 276 0.47 -6.86 -13.67
C HIS A 276 0.93 -5.65 -12.86
N ILE A 277 0.65 -5.62 -11.56
CA ILE A 277 1.02 -4.42 -10.81
C ILE A 277 2.51 -4.27 -10.62
N ARG A 278 3.26 -5.34 -10.79
CA ARG A 278 4.72 -5.26 -10.75
C ARG A 278 5.28 -4.32 -11.83
N THR A 279 4.50 -4.08 -12.88
CA THR A 279 4.92 -3.13 -13.91
C THR A 279 4.67 -1.68 -13.44
N GLN A 280 3.86 -1.50 -12.40
CA GLN A 280 3.50 -0.17 -11.94
C GLN A 280 4.31 0.38 -10.74
N ARG A 281 4.84 -0.51 -9.91
CA ARG A 281 5.86 -0.10 -8.93
C ARG A 281 6.80 -1.28 -8.67
N ASN A 282 8.10 -1.01 -8.62
CA ASN A 282 9.05 -2.10 -8.47
C ASN A 282 8.82 -2.88 -7.17
N TYR A 283 8.95 -4.19 -7.27
CA TYR A 283 9.06 -5.08 -6.10
C TYR A 283 7.79 -5.23 -5.26
N LEU A 284 6.65 -4.79 -5.78
CA LEU A 284 5.42 -4.95 -5.02
C LEU A 284 5.23 -6.42 -4.64
N VAL A 285 4.95 -6.66 -3.36
CA VAL A 285 5.08 -8.00 -2.76
C VAL A 285 6.51 -8.50 -2.91
N GLN A 286 7.33 -8.20 -1.91
CA GLN A 286 8.77 -8.29 -2.07
C GLN A 286 9.33 -9.67 -1.77
N THR A 287 8.64 -10.46 -0.95
CA THR A 287 9.16 -11.76 -0.54
C THR A 287 8.17 -12.89 -0.77
N GLU A 288 8.70 -14.09 -0.87
CA GLU A 288 7.87 -15.27 -1.03
C GLU A 288 6.95 -15.44 0.18
N GLU A 289 7.44 -15.07 1.37
CA GLU A 289 6.62 -15.24 2.57
C GLU A 289 5.41 -14.31 2.57
N GLN A 290 5.60 -13.09 2.06
CA GLN A 290 4.47 -12.19 1.85
C GLN A 290 3.51 -12.76 0.81
N TYR A 291 4.08 -13.32 -0.26
CA TYR A 291 3.27 -13.94 -1.32
C TYR A 291 2.40 -15.05 -0.71
N ILE A 292 3.00 -15.88 0.13
CA ILE A 292 2.24 -16.93 0.81
C ILE A 292 1.19 -16.30 1.72
N PHE A 293 1.56 -15.23 2.41
CA PHE A 293 0.64 -14.58 3.35
C PHE A 293 -0.63 -14.13 2.65
N ILE A 294 -0.49 -13.60 1.44
CA ILE A 294 -1.64 -13.22 0.63
C ILE A 294 -2.62 -14.38 0.53
N HIS A 295 -2.08 -15.56 0.26
CA HIS A 295 -2.92 -16.74 0.12
C HIS A 295 -3.61 -17.12 1.44
N ASP A 296 -2.89 -16.98 2.54
CA ASP A 296 -3.47 -17.29 3.84
C ASP A 296 -4.65 -16.36 4.15
N ALA A 297 -4.49 -15.08 3.86
CA ALA A 297 -5.54 -14.11 4.11
C ALA A 297 -6.79 -14.46 3.29
N LEU A 298 -6.58 -14.79 2.02
CA LEU A 298 -7.71 -15.10 1.12
C LEU A 298 -8.36 -16.40 1.53
N LEU A 299 -7.53 -17.37 1.94
CA LEU A 299 -8.04 -18.62 2.49
C LEU A 299 -8.95 -18.35 3.69
N GLU A 300 -8.51 -17.48 4.60
CA GLU A 300 -9.30 -17.17 5.78
C GLU A 300 -10.62 -16.51 5.39
N ALA A 301 -10.60 -15.72 4.33
CA ALA A 301 -11.82 -15.07 3.85
C ALA A 301 -12.77 -16.10 3.27
N ILE A 302 -12.23 -17.02 2.48
CA ILE A 302 -13.05 -18.04 1.83
C ILE A 302 -13.63 -19.01 2.84
N LEU A 303 -12.79 -19.52 3.73
CA LEU A 303 -13.25 -20.46 4.75
C LEU A 303 -14.14 -19.77 5.77
N GLY A 304 -13.91 -18.46 5.95
CA GLY A 304 -14.69 -17.71 6.90
C GLY A 304 -16.15 -17.61 6.49
N LYS A 305 -16.39 -17.57 5.18
CA LYS A 305 -17.75 -17.55 4.65
C LYS A 305 -18.35 -18.95 4.69
N GLU A 306 -19.68 -19.02 4.67
CA GLU A 306 -20.38 -20.29 4.70
C GLU A 306 -20.17 -21.03 6.03
N THR A 307 -19.28 -20.49 6.86
CA THR A 307 -19.04 -21.05 8.19
C THR A 307 -18.72 -19.94 9.21
N GLU A 308 -19.72 -19.12 9.54
CA GLU A 308 -19.53 -18.04 10.49
C GLU A 308 -20.29 -18.28 11.78
#